data_5JZ8
#
_entry.id   5JZ8
#
_cell.length_a   50.244
_cell.length_b   91.020
_cell.length_c   122.666
_cell.angle_alpha   90.000
_cell.angle_beta   90.000
_cell.angle_gamma   90.000
#
_symmetry.space_group_name_H-M   'P 21 21 21'
#
loop_
_entity.id
_entity.type
_entity.pdbx_description
1 polymer 'Aspartyl/asparaginyl beta-hydroxylase'
2 polymer 'Coagulation factor X'
3 non-polymer 'MANGANESE (II) ION'
4 non-polymer N-OXALYLGLYCINE
5 non-polymer 'ACETATE ION'
6 water water
#
loop_
_entity_poly.entity_id
_entity_poly.type
_entity_poly.pdbx_seq_one_letter_code
_entity_poly.pdbx_strand_id
1 'polypeptide(L)'
;KPKLLNKFDKTIKAELDAAEKLRKRGKIEEAVNAFKELVRKYPQSPRARYGKAQCEDDLAEKRRSNEVLRGAIETYQEVA
SLPDVPADLLKLSLKRRSDRQQFLGHMRGSLLTLQRLVQLFPNDTSLKNDLGVGYLLIGDNDNAKKVYEEVLSVTPNDGF
AKVHYGFILKAQNKIAESIPYLKEGIESGDPGTDDGRFYFHLGDAMQRVGNKEAYKWYELGHKRGHFASVWQRSLYNVNG
LKAQPWWTPKETGYTELVKSLERNWKLIRDEGLAVMDKAKGLFLPEDENLREKGDWSQFTLWQQGRRNENACKGAPKTCT
LLEKFPETTGCRRGQIKYSIMHPGTHVWPHTGPTNCRLRMHLGLVIPKEGCKIRCANETKTWEEGKVLIFDDSFEHEVWQ
DASSFRLIFIVDVWHPELTPQQRRSLPAI
;
A
2 'polypeptide(L)' DGDQCETSPCQNQGKCKDGLGEYTCTCLEGFEGKNCELF B
#
# COMPACT_ATOMS: atom_id res chain seq x y z
N LYS A 1 13.78 25.05 -21.85
CA LYS A 1 12.33 25.11 -22.05
C LYS A 1 11.63 25.83 -20.90
N PRO A 2 11.85 25.38 -19.65
CA PRO A 2 11.17 26.03 -18.53
C PRO A 2 11.81 27.36 -18.16
N LYS A 3 11.04 28.45 -18.25
CA LYS A 3 11.57 29.78 -17.93
C LYS A 3 11.39 30.04 -16.43
N LEU A 4 12.52 30.23 -15.75
CA LEU A 4 12.53 30.30 -14.29
C LEU A 4 13.00 31.65 -13.77
N LEU A 5 13.42 32.53 -14.68
CA LEU A 5 13.97 33.83 -14.30
C LEU A 5 13.02 34.97 -14.62
N ASN A 6 12.61 35.70 -13.58
CA ASN A 6 11.82 36.92 -13.79
C ASN A 6 12.75 38.04 -14.24
N LYS A 7 12.22 39.25 -14.35
CA LYS A 7 12.99 40.37 -14.91
C LYS A 7 14.30 40.60 -14.16
N PHE A 8 14.23 40.68 -12.84
CA PHE A 8 15.42 40.98 -12.05
C PHE A 8 16.42 39.82 -12.06
N ASP A 9 15.92 38.59 -12.00
CA ASP A 9 16.80 37.43 -11.95
C ASP A 9 17.66 37.32 -13.21
N LYS A 10 17.11 37.75 -14.33
CA LYS A 10 17.86 37.71 -15.59
C LYS A 10 19.10 38.59 -15.51
N THR A 11 19.07 39.60 -14.65
CA THR A 11 20.18 40.55 -14.52
C THR A 11 21.28 39.99 -13.62
N ILE A 12 20.98 38.90 -12.91
CA ILE A 12 21.96 38.22 -12.07
C ILE A 12 22.08 36.75 -12.46
N LYS A 13 21.80 36.46 -13.72
CA LYS A 13 21.81 35.09 -14.22
C LYS A 13 23.19 34.42 -14.06
N ALA A 14 24.24 35.22 -14.10
CA ALA A 14 25.60 34.71 -13.98
C ALA A 14 25.85 34.17 -12.58
N GLU A 15 25.59 34.99 -11.58
CA GLU A 15 25.76 34.59 -10.19
C GLU A 15 24.91 33.36 -9.87
N LEU A 16 23.69 33.36 -10.40
CA LEU A 16 22.75 32.27 -10.17
C LEU A 16 23.23 30.96 -10.80
N ASP A 17 23.67 31.03 -12.05
CA ASP A 17 24.18 29.86 -12.76
C ASP A 17 25.45 29.34 -12.11
N ALA A 18 26.28 30.26 -11.61
CA ALA A 18 27.51 29.89 -10.92
C ALA A 18 27.19 29.01 -9.71
N ALA A 19 26.23 29.46 -8.90
CA ALA A 19 25.84 28.74 -7.69
C ALA A 19 25.21 27.39 -8.03
N GLU A 20 24.34 27.39 -9.04
CA GLU A 20 23.65 26.17 -9.46
C GLU A 20 24.65 25.14 -9.99
N LYS A 21 25.70 25.62 -10.64
CA LYS A 21 26.72 24.75 -11.20
C LYS A 21 27.42 23.97 -10.10
N LEU A 22 27.66 24.64 -8.97
CA LEU A 22 28.29 24.00 -7.82
C LEU A 22 27.40 22.90 -7.25
N ARG A 23 26.09 23.08 -7.37
CA ARG A 23 25.14 22.10 -6.85
C ARG A 23 25.15 20.85 -7.71
N LYS A 24 25.26 21.03 -9.02
CA LYS A 24 25.24 19.91 -9.96
C LYS A 24 26.51 19.06 -9.84
N ARG A 25 27.60 19.70 -9.44
CA ARG A 25 28.87 18.99 -9.30
C ARG A 25 28.95 18.20 -8.00
N GLY A 26 27.85 18.17 -7.25
CA GLY A 26 27.77 17.40 -6.03
C GLY A 26 28.33 18.13 -4.83
N LYS A 27 29.10 19.18 -5.07
CA LYS A 27 29.62 20.02 -3.99
C LYS A 27 28.47 20.84 -3.40
N ILE A 28 27.46 20.15 -2.90
CA ILE A 28 26.25 20.79 -2.39
C ILE A 28 26.57 21.70 -1.22
N GLU A 29 27.63 21.38 -0.50
CA GLU A 29 27.95 22.07 0.74
C GLU A 29 28.27 23.54 0.50
N GLU A 30 29.17 23.81 -0.44
CA GLU A 30 29.53 25.20 -0.73
C GLU A 30 28.53 25.83 -1.69
N ALA A 31 27.59 25.03 -2.18
CA ALA A 31 26.50 25.54 -3.00
C ALA A 31 25.43 26.18 -2.13
N VAL A 32 25.18 25.57 -0.97
CA VAL A 32 24.25 26.14 0.02
C VAL A 32 24.67 27.56 0.34
N ASN A 33 25.93 27.72 0.70
CA ASN A 33 26.47 29.01 1.08
C ASN A 33 26.44 29.99 -0.08
N ALA A 34 26.60 29.48 -1.30
CA ALA A 34 26.54 30.31 -2.48
C ALA A 34 25.13 30.89 -2.66
N PHE A 35 24.12 30.03 -2.55
CA PHE A 35 22.75 30.47 -2.72
C PHE A 35 22.28 31.31 -1.54
N LYS A 36 22.69 30.95 -0.34
CA LYS A 36 22.35 31.72 0.84
CA LYS A 36 22.35 31.73 0.85
C LYS A 36 22.91 33.13 0.75
N GLU A 37 24.10 33.25 0.17
CA GLU A 37 24.71 34.56 -0.05
C GLU A 37 23.87 35.36 -1.04
N LEU A 38 23.36 34.68 -2.06
CA LEU A 38 22.48 35.32 -3.05
C LEU A 38 21.14 35.69 -2.43
N VAL A 39 20.66 34.85 -1.51
CA VAL A 39 19.39 35.11 -0.84
C VAL A 39 19.51 36.33 0.07
N ARG A 40 20.66 36.52 0.71
CA ARG A 40 20.86 37.69 1.55
C ARG A 40 20.93 38.93 0.65
N LYS A 41 21.66 38.81 -0.45
CA LYS A 41 21.93 39.94 -1.32
C LYS A 41 20.69 40.32 -2.12
N TYR A 42 19.94 39.29 -2.53
CA TYR A 42 18.74 39.48 -3.33
C TYR A 42 17.56 38.74 -2.68
N PRO A 43 17.07 39.26 -1.54
CA PRO A 43 16.06 38.58 -0.73
C PRO A 43 14.74 38.34 -1.46
N GLN A 44 14.55 38.96 -2.61
CA GLN A 44 13.31 38.82 -3.36
C GLN A 44 13.47 37.93 -4.59
N SER A 45 14.69 37.44 -4.81
CA SER A 45 14.98 36.60 -5.97
C SER A 45 14.33 35.23 -5.87
N PRO A 46 13.39 34.91 -6.78
CA PRO A 46 12.80 33.57 -6.72
C PRO A 46 13.77 32.46 -7.08
N ARG A 47 14.66 32.73 -8.04
CA ARG A 47 15.60 31.70 -8.49
C ARG A 47 16.64 31.44 -7.41
N ALA A 48 17.05 32.48 -6.71
CA ALA A 48 18.01 32.32 -5.62
C ALA A 48 17.38 31.49 -4.50
N ARG A 49 16.11 31.77 -4.20
CA ARG A 49 15.41 31.07 -3.14
C ARG A 49 15.20 29.60 -3.50
N TYR A 50 14.84 29.35 -4.75
CA TYR A 50 14.65 28.00 -5.25
C TYR A 50 15.94 27.19 -5.18
N GLY A 51 17.05 27.86 -5.48
CA GLY A 51 18.36 27.24 -5.38
C GLY A 51 18.68 26.82 -3.95
N LYS A 52 18.41 27.71 -3.01
CA LYS A 52 18.59 27.39 -1.59
C LYS A 52 17.74 26.19 -1.22
N ALA A 53 16.51 26.14 -1.73
CA ALA A 53 15.60 25.05 -1.45
C ALA A 53 16.15 23.73 -2.00
N GLN A 54 16.61 23.75 -3.25
CA GLN A 54 17.13 22.56 -3.88
C GLN A 54 18.39 22.07 -3.17
N CYS A 55 19.22 22.99 -2.73
CA CYS A 55 20.45 22.63 -2.01
C CYS A 55 20.12 21.97 -0.68
N GLU A 56 19.15 22.54 0.03
CA GLU A 56 18.66 21.96 1.28
C GLU A 56 18.04 20.59 1.03
N ASP A 57 17.41 20.45 -0.14
CA ASP A 57 16.79 19.21 -0.54
C ASP A 57 17.85 18.12 -0.71
N ASP A 58 18.97 18.49 -1.33
CA ASP A 58 20.05 17.54 -1.56
C ASP A 58 20.82 17.26 -0.27
N LEU A 59 20.88 18.25 0.61
CA LEU A 59 21.54 18.06 1.90
C LEU A 59 20.74 17.09 2.75
N ALA A 60 19.43 17.12 2.59
CA ALA A 60 18.53 16.19 3.28
C ALA A 60 18.82 14.76 2.82
N GLU A 61 19.09 14.60 1.53
CA GLU A 61 19.38 13.28 0.98
C GLU A 61 20.70 12.76 1.51
N LYS A 62 21.72 13.61 1.54
CA LYS A 62 23.03 13.22 2.04
C LYS A 62 22.97 12.90 3.53
N ARG A 63 22.49 13.85 4.32
CA ARG A 63 22.44 13.69 5.77
C ARG A 63 21.29 12.81 6.24
N ARG A 64 20.32 12.56 5.36
CA ARG A 64 19.15 11.75 5.68
C ARG A 64 18.31 12.42 6.78
N SER A 65 18.49 13.72 6.94
CA SER A 65 17.83 14.45 8.01
C SER A 65 16.43 14.92 7.64
N ASN A 66 15.46 14.53 8.46
CA ASN A 66 14.08 15.00 8.30
C ASN A 66 13.99 16.50 8.60
N GLU A 67 14.83 16.96 9.53
CA GLU A 67 14.79 18.34 9.99
C GLU A 67 15.16 19.32 8.89
N VAL A 68 16.22 19.02 8.15
CA VAL A 68 16.67 19.93 7.08
C VAL A 68 15.72 19.84 5.89
N LEU A 69 15.11 18.67 5.67
CA LEU A 69 14.14 18.52 4.61
C LEU A 69 12.90 19.33 4.96
N ARG A 70 12.56 19.35 6.24
CA ARG A 70 11.49 20.20 6.74
C ARG A 70 11.81 21.65 6.41
N GLY A 71 13.09 21.99 6.55
CA GLY A 71 13.56 23.33 6.23
C GLY A 71 13.44 23.60 4.74
N ALA A 72 13.84 22.63 3.93
CA ALA A 72 13.74 22.75 2.48
C ALA A 72 12.28 22.93 2.06
N ILE A 73 11.38 22.21 2.73
CA ILE A 73 9.96 22.29 2.45
C ILE A 73 9.44 23.71 2.68
N GLU A 74 9.97 24.37 3.70
CA GLU A 74 9.60 25.74 3.98
C GLU A 74 10.20 26.67 2.94
N THR A 75 11.42 26.37 2.49
CA THR A 75 12.09 27.22 1.53
C THR A 75 11.37 27.14 0.17
N TYR A 76 10.84 25.97 -0.15
CA TYR A 76 10.04 25.81 -1.36
C TYR A 76 8.78 26.68 -1.26
N GLN A 77 8.20 26.73 -0.06
CA GLN A 77 7.05 27.59 0.20
C GLN A 77 7.46 29.05 0.02
N GLU A 78 8.64 29.40 0.53
CA GLU A 78 9.12 30.78 0.46
C GLU A 78 9.21 31.27 -0.97
N VAL A 79 9.60 30.40 -1.89
CA VAL A 79 9.69 30.76 -3.31
C VAL A 79 8.35 31.28 -3.81
N ALA A 80 7.27 30.58 -3.47
CA ALA A 80 5.94 30.92 -3.94
C ALA A 80 5.40 32.21 -3.30
N SER A 81 6.06 32.66 -2.23
CA SER A 81 5.60 33.85 -1.51
C SER A 81 6.25 35.12 -2.03
N LEU A 82 7.31 34.98 -2.80
CA LEU A 82 8.04 36.13 -3.32
C LEU A 82 7.27 36.78 -4.45
N PRO A 83 7.59 38.05 -4.77
CA PRO A 83 6.90 38.75 -5.84
C PRO A 83 7.42 38.36 -7.22
N ASP A 84 6.51 38.33 -8.20
CA ASP A 84 6.89 38.17 -9.60
C ASP A 84 7.60 36.83 -9.87
N VAL A 85 7.02 35.75 -9.36
CA VAL A 85 7.58 34.41 -9.57
C VAL A 85 7.09 33.85 -10.90
N PRO A 86 8.03 33.46 -11.79
CA PRO A 86 7.62 32.83 -13.05
C PRO A 86 6.76 31.59 -12.82
N ALA A 87 5.76 31.40 -13.69
CA ALA A 87 4.79 30.32 -13.50
C ALA A 87 5.46 28.95 -13.44
N ASP A 88 6.43 28.71 -14.32
CA ASP A 88 7.12 27.43 -14.35
C ASP A 88 7.84 27.16 -13.04
N LEU A 89 8.44 28.21 -12.47
CA LEU A 89 9.18 28.08 -11.22
C LEU A 89 8.24 27.87 -10.04
N LEU A 90 7.13 28.61 -10.05
CA LEU A 90 6.11 28.50 -9.01
C LEU A 90 5.55 27.07 -8.94
N LYS A 91 5.26 26.51 -10.10
CA LYS A 91 4.73 25.17 -10.21
C LYS A 91 5.75 24.14 -9.76
N LEU A 92 6.97 24.25 -10.28
CA LEU A 92 8.05 23.34 -9.93
C LEU A 92 8.32 23.32 -8.43
N SER A 93 8.35 24.50 -7.82
CA SER A 93 8.69 24.62 -6.40
C SER A 93 7.64 23.98 -5.51
N LEU A 94 6.36 24.27 -5.79
CA LEU A 94 5.28 23.76 -4.97
C LEU A 94 5.03 22.27 -5.18
N LYS A 95 5.27 21.80 -6.41
CA LYS A 95 5.15 20.38 -6.69
C LYS A 95 6.14 19.58 -5.87
N ARG A 96 7.39 20.06 -5.84
CA ARG A 96 8.43 19.40 -5.05
C ARG A 96 8.09 19.47 -3.56
N ARG A 97 7.51 20.58 -3.14
CA ARG A 97 7.09 20.73 -1.75
C ARG A 97 6.10 19.63 -1.36
N SER A 98 5.11 19.42 -2.22
CA SER A 98 4.12 18.39 -2.00
C SER A 98 4.77 17.00 -1.99
N ASP A 99 5.63 16.76 -2.95
CA ASP A 99 6.33 15.49 -3.06
C ASP A 99 7.08 15.14 -1.78
N ARG A 100 7.79 16.11 -1.23
CA ARG A 100 8.60 15.90 -0.03
C ARG A 100 7.73 15.85 1.22
N GLN A 101 6.59 16.52 1.19
CA GLN A 101 5.66 16.49 2.31
C GLN A 101 5.06 15.09 2.45
N GLN A 102 4.77 14.46 1.32
CA GLN A 102 4.27 13.09 1.31
C GLN A 102 5.34 12.14 1.79
N PHE A 103 6.59 12.41 1.42
CA PHE A 103 7.71 11.59 1.84
C PHE A 103 7.81 11.56 3.36
N LEU A 104 7.59 12.70 4.00
CA LEU A 104 7.63 12.80 5.46
C LEU A 104 6.33 12.30 6.09
N GLY A 105 5.33 12.06 5.27
CA GLY A 105 4.04 11.62 5.77
C GLY A 105 3.14 12.78 6.16
N HIS A 106 3.52 13.99 5.75
CA HIS A 106 2.68 15.17 5.94
C HIS A 106 1.61 15.23 4.86
N MET A 107 0.80 14.17 4.79
CA MET A 107 -0.20 14.04 3.73
C MET A 107 -1.23 15.15 3.83
N ARG A 108 -1.60 15.52 5.05
CA ARG A 108 -2.51 16.64 5.27
C ARG A 108 -1.88 17.93 4.75
N GLY A 109 -0.58 18.07 5.01
CA GLY A 109 0.17 19.22 4.53
C GLY A 109 0.30 19.21 3.02
N SER A 110 0.53 18.03 2.46
CA SER A 110 0.65 17.90 1.02
C SER A 110 -0.64 18.30 0.31
N LEU A 111 -1.77 17.97 0.93
CA LEU A 111 -3.08 18.28 0.35
C LEU A 111 -3.25 19.77 0.13
N LEU A 112 -2.91 20.57 1.14
CA LEU A 112 -3.02 22.02 1.05
C LEU A 112 -2.16 22.55 -0.10
N THR A 113 -0.96 21.98 -0.24
CA THR A 113 -0.07 22.36 -1.33
C THR A 113 -0.70 22.04 -2.68
N LEU A 114 -1.21 20.83 -2.82
CA LEU A 114 -1.83 20.39 -4.06
C LEU A 114 -3.08 21.22 -4.35
N GLN A 115 -3.85 21.52 -3.31
CA GLN A 115 -5.02 22.37 -3.45
C GLN A 115 -4.62 23.76 -3.94
N ARG A 116 -3.52 24.27 -3.38
CA ARG A 116 -3.02 25.58 -3.77
C ARG A 116 -2.56 25.57 -5.23
N LEU A 117 -1.90 24.48 -5.63
CA LEU A 117 -1.43 24.34 -7.00
C LEU A 117 -2.57 24.33 -8.00
N VAL A 118 -3.67 23.68 -7.64
CA VAL A 118 -4.85 23.65 -8.49
C VAL A 118 -5.51 25.02 -8.55
N GLN A 119 -5.50 25.72 -7.42
CA GLN A 119 -6.03 27.08 -7.36
C GLN A 119 -5.22 28.03 -8.24
N LEU A 120 -3.91 27.82 -8.28
CA LEU A 120 -2.99 28.69 -9.01
C LEU A 120 -2.96 28.36 -10.50
N PHE A 121 -3.17 27.09 -10.83
CA PHE A 121 -3.17 26.65 -12.22
C PHE A 121 -4.44 25.84 -12.52
N PRO A 122 -5.58 26.54 -12.62
CA PRO A 122 -6.89 25.88 -12.75
C PRO A 122 -7.06 25.06 -14.02
N ASN A 123 -6.21 25.26 -15.01
CA ASN A 123 -6.34 24.55 -16.28
C ASN A 123 -5.33 23.42 -16.44
N ASP A 124 -4.45 23.25 -15.45
CA ASP A 124 -3.49 22.16 -15.47
C ASP A 124 -4.18 20.88 -15.01
N THR A 125 -4.40 19.96 -15.95
CA THR A 125 -5.10 18.73 -15.68
C THR A 125 -4.29 17.82 -14.78
N SER A 126 -2.98 17.76 -15.01
CA SER A 126 -2.10 16.87 -14.26
C SER A 126 -2.08 17.20 -12.78
N LEU A 127 -2.30 18.47 -12.44
CA LEU A 127 -2.28 18.91 -11.06
C LEU A 127 -3.54 18.48 -10.33
N LYS A 128 -4.67 18.51 -11.05
CA LYS A 128 -5.92 18.01 -10.49
C LYS A 128 -5.78 16.52 -10.23
N ASN A 129 -5.14 15.82 -11.16
CA ASN A 129 -4.86 14.40 -10.97
C ASN A 129 -3.99 14.15 -9.74
N ASP A 130 -2.97 14.98 -9.57
CA ASP A 130 -2.08 14.88 -8.43
C ASP A 130 -2.83 15.13 -7.12
N LEU A 131 -3.78 16.06 -7.17
CA LEU A 131 -4.61 16.33 -6.00
C LEU A 131 -5.41 15.08 -5.66
N GLY A 132 -5.92 14.40 -6.68
CA GLY A 132 -6.69 13.19 -6.49
C GLY A 132 -5.88 12.12 -5.79
N VAL A 133 -4.62 12.00 -6.19
CA VAL A 133 -3.71 11.04 -5.56
C VAL A 133 -3.48 11.42 -4.11
N GLY A 134 -3.43 12.72 -3.84
CA GLY A 134 -3.26 13.22 -2.49
C GLY A 134 -4.39 12.77 -1.59
N TYR A 135 -5.61 12.84 -2.11
CA TYR A 135 -6.79 12.41 -1.36
C TYR A 135 -6.75 10.90 -1.15
N LEU A 136 -6.29 10.17 -2.17
CA LEU A 136 -6.22 8.72 -2.07
C LEU A 136 -5.26 8.24 -1.00
N LEU A 137 -4.15 8.97 -0.83
CA LEU A 137 -3.11 8.56 0.11
C LEU A 137 -3.55 8.71 1.57
N ILE A 138 -4.53 9.58 1.81
CA ILE A 138 -5.04 9.78 3.17
C ILE A 138 -6.32 8.97 3.44
N GLY A 139 -6.78 8.23 2.43
CA GLY A 139 -7.95 7.40 2.59
C GLY A 139 -9.26 8.13 2.31
N ASP A 140 -9.16 9.28 1.66
CA ASP A 140 -10.34 10.10 1.36
C ASP A 140 -10.83 9.84 -0.06
N ASN A 141 -11.45 8.69 -0.27
CA ASN A 141 -11.89 8.28 -1.60
C ASN A 141 -13.06 9.11 -2.12
N ASP A 142 -13.89 9.62 -1.20
CA ASP A 142 -15.02 10.46 -1.57
C ASP A 142 -14.55 11.72 -2.30
N ASN A 143 -13.66 12.48 -1.66
CA ASN A 143 -13.13 13.68 -2.26
C ASN A 143 -12.29 13.38 -3.49
N ALA A 144 -11.59 12.24 -3.46
CA ALA A 144 -10.80 11.81 -4.61
C ALA A 144 -11.69 11.56 -5.81
N LYS A 145 -12.84 10.94 -5.56
CA LYS A 145 -13.78 10.61 -6.62
C LYS A 145 -14.31 11.86 -7.30
N LYS A 146 -14.60 12.88 -6.48
CA LYS A 146 -15.07 14.16 -7.01
C LYS A 146 -14.05 14.78 -7.94
N VAL A 147 -12.79 14.77 -7.52
CA VAL A 147 -11.71 15.37 -8.30
C VAL A 147 -11.62 14.75 -9.68
N TYR A 148 -11.61 13.43 -9.74
CA TYR A 148 -11.47 12.74 -11.03
C TYR A 148 -12.75 12.86 -11.85
N GLU A 149 -13.89 13.02 -11.18
CA GLU A 149 -15.13 13.30 -11.88
C GLU A 149 -15.06 14.68 -12.52
N GLU A 150 -14.46 15.62 -11.80
CA GLU A 150 -14.29 16.98 -12.29
C GLU A 150 -13.33 17.00 -13.49
N VAL A 151 -12.25 16.23 -13.39
CA VAL A 151 -11.28 16.13 -14.47
C VAL A 151 -11.93 15.52 -15.71
N LEU A 152 -12.69 14.45 -15.51
CA LEU A 152 -13.27 13.71 -16.64
C LEU A 152 -14.38 14.51 -17.34
N SER A 153 -15.04 15.40 -16.61
CA SER A 153 -16.07 16.24 -17.20
C SER A 153 -15.46 17.20 -18.22
N VAL A 154 -14.22 17.60 -17.96
CA VAL A 154 -13.49 18.50 -18.84
C VAL A 154 -12.64 17.73 -19.84
N THR A 155 -12.01 16.66 -19.34
CA THR A 155 -11.11 15.84 -20.16
C THR A 155 -11.49 14.34 -20.05
N PRO A 156 -12.56 13.94 -20.75
CA PRO A 156 -13.04 12.54 -20.79
C PRO A 156 -12.00 11.50 -21.23
N ASN A 157 -10.97 11.92 -21.95
CA ASN A 157 -9.98 10.98 -22.50
C ASN A 157 -8.75 10.78 -21.62
N ASP A 158 -8.62 11.57 -20.56
CA ASP A 158 -7.46 11.46 -19.69
C ASP A 158 -7.41 10.09 -19.03
N GLY A 159 -6.42 9.29 -19.45
CA GLY A 159 -6.28 7.93 -18.97
C GLY A 159 -5.99 7.82 -17.49
N PHE A 160 -5.16 8.72 -16.99
CA PHE A 160 -4.79 8.74 -15.58
C PHE A 160 -6.04 8.89 -14.72
N ALA A 161 -6.95 9.76 -15.13
CA ALA A 161 -8.19 9.99 -14.41
C ALA A 161 -9.10 8.76 -14.50
N LYS A 162 -9.06 8.06 -15.62
CA LYS A 162 -9.93 6.92 -15.84
C LYS A 162 -9.52 5.72 -14.98
N VAL A 163 -8.24 5.38 -14.96
CA VAL A 163 -7.77 4.26 -14.14
C VAL A 163 -8.07 4.51 -12.67
N HIS A 164 -7.87 5.75 -12.23
CA HIS A 164 -8.04 6.08 -10.82
C HIS A 164 -9.51 6.13 -10.46
N TYR A 165 -10.33 6.67 -11.35
CA TYR A 165 -11.77 6.67 -11.15
C TYR A 165 -12.25 5.23 -11.08
N GLY A 166 -11.75 4.41 -12.00
CA GLY A 166 -12.07 2.99 -12.02
C GLY A 166 -11.63 2.31 -10.74
N PHE A 167 -10.44 2.65 -10.27
CA PHE A 167 -9.91 2.09 -9.03
C PHE A 167 -10.84 2.43 -7.87
N ILE A 168 -11.27 3.69 -7.81
CA ILE A 168 -12.16 4.14 -6.75
C ILE A 168 -13.51 3.43 -6.84
N LEU A 169 -14.01 3.26 -8.06
CA LEU A 169 -15.29 2.60 -8.28
C LEU A 169 -15.27 1.16 -7.80
N LYS A 170 -14.21 0.42 -8.15
CA LYS A 170 -14.13 -0.96 -7.74
C LYS A 170 -14.03 -1.05 -6.22
N ALA A 171 -13.25 -0.15 -5.62
CA ALA A 171 -13.11 -0.10 -4.17
C ALA A 171 -14.46 0.08 -3.50
N GLN A 172 -15.37 0.74 -4.22
CA GLN A 172 -16.74 0.95 -3.75
C GLN A 172 -17.66 -0.21 -4.15
N ASN A 173 -17.06 -1.30 -4.64
CA ASN A 173 -17.81 -2.47 -5.08
C ASN A 173 -18.71 -2.16 -6.28
N LYS A 174 -18.39 -1.10 -7.00
CA LYS A 174 -19.06 -0.80 -8.26
C LYS A 174 -18.34 -1.55 -9.38
N ILE A 175 -18.39 -2.88 -9.30
CA ILE A 175 -17.56 -3.76 -10.11
C ILE A 175 -17.77 -3.55 -11.61
N ALA A 176 -19.01 -3.68 -12.06
CA ALA A 176 -19.33 -3.51 -13.47
C ALA A 176 -18.96 -2.10 -13.96
N GLU A 177 -19.29 -1.09 -13.16
CA GLU A 177 -19.02 0.29 -13.54
C GLU A 177 -17.53 0.55 -13.70
N SER A 178 -16.71 -0.15 -12.92
CA SER A 178 -15.28 0.14 -12.85
C SER A 178 -14.48 -0.41 -14.04
N ILE A 179 -14.98 -1.49 -14.64
CA ILE A 179 -14.24 -2.23 -15.65
C ILE A 179 -13.87 -1.39 -16.88
N PRO A 180 -14.85 -0.69 -17.49
CA PRO A 180 -14.49 0.09 -18.68
C PRO A 180 -13.50 1.21 -18.38
N TYR A 181 -13.58 1.80 -17.19
CA TYR A 181 -12.67 2.88 -16.81
C TYR A 181 -11.25 2.35 -16.62
N LEU A 182 -11.12 1.23 -15.90
CA LEU A 182 -9.82 0.60 -15.71
C LEU A 182 -9.24 0.16 -17.04
N LYS A 183 -10.07 -0.45 -17.88
CA LYS A 183 -9.65 -0.98 -19.17
C LYS A 183 -9.20 0.14 -20.11
N GLU A 184 -10.10 1.08 -20.38
CA GLU A 184 -9.80 2.20 -21.25
C GLU A 184 -8.61 3.00 -20.71
N GLY A 185 -8.52 3.07 -19.38
CA GLY A 185 -7.46 3.82 -18.74
C GLY A 185 -6.09 3.23 -18.98
N ILE A 186 -5.96 1.92 -18.76
CA ILE A 186 -4.70 1.23 -19.02
C ILE A 186 -4.39 1.27 -20.51
N GLU A 187 -5.44 1.13 -21.32
CA GLU A 187 -5.29 1.09 -22.77
C GLU A 187 -4.86 2.43 -23.34
N SER A 188 -5.04 3.50 -22.57
CA SER A 188 -4.66 4.83 -23.01
C SER A 188 -3.15 4.93 -23.16
N GLY A 189 -2.43 4.28 -22.24
CA GLY A 189 -0.97 4.32 -22.25
C GLY A 189 -0.43 5.63 -21.72
N ASP A 190 -1.31 6.47 -21.18
CA ASP A 190 -0.88 7.74 -20.60
C ASP A 190 0.06 7.49 -19.43
N PRO A 191 0.96 8.44 -19.14
CA PRO A 191 1.90 8.25 -18.03
C PRO A 191 1.19 8.04 -16.70
N GLY A 192 1.54 6.96 -16.00
CA GLY A 192 0.97 6.66 -14.70
C GLY A 192 -0.16 5.64 -14.76
N THR A 193 -0.49 5.17 -15.96
CA THR A 193 -1.56 4.20 -16.12
C THR A 193 -1.02 2.76 -16.13
N ASP A 194 0.27 2.62 -16.44
CA ASP A 194 0.89 1.30 -16.43
C ASP A 194 1.34 0.95 -15.01
N ASP A 195 0.36 0.71 -14.15
CA ASP A 195 0.60 0.39 -12.74
C ASP A 195 -0.06 -0.93 -12.39
N GLY A 196 0.64 -1.76 -11.62
CA GLY A 196 0.17 -3.09 -11.26
C GLY A 196 -1.20 -3.11 -10.60
N ARG A 197 -1.47 -2.07 -9.82
CA ARG A 197 -2.74 -1.94 -9.10
C ARG A 197 -3.94 -2.03 -10.04
N PHE A 198 -3.81 -1.41 -11.22
CA PHE A 198 -4.93 -1.30 -12.14
C PHE A 198 -5.13 -2.60 -12.92
N TYR A 199 -4.03 -3.27 -13.26
CA TYR A 199 -4.12 -4.60 -13.86
C TYR A 199 -4.75 -5.56 -12.87
N PHE A 200 -4.28 -5.48 -11.62
CA PHE A 200 -4.74 -6.36 -10.55
C PHE A 200 -6.24 -6.28 -10.35
N HIS A 201 -6.76 -5.05 -10.33
CA HIS A 201 -8.16 -4.81 -9.99
C HIS A 201 -9.08 -4.92 -11.20
N LEU A 202 -8.53 -4.71 -12.40
CA LEU A 202 -9.31 -4.87 -13.62
C LEU A 202 -9.64 -6.36 -13.82
N GLY A 203 -8.64 -7.20 -13.66
CA GLY A 203 -8.83 -8.64 -13.80
C GLY A 203 -9.71 -9.21 -12.71
N ASP A 204 -9.55 -8.70 -11.49
CA ASP A 204 -10.37 -9.14 -10.38
C ASP A 204 -11.83 -8.77 -10.63
N ALA A 205 -12.06 -7.54 -11.06
CA ALA A 205 -13.41 -7.09 -11.37
C ALA A 205 -14.04 -7.98 -12.45
N MET A 206 -13.23 -8.34 -13.44
CA MET A 206 -13.69 -9.19 -14.53
C MET A 206 -14.01 -10.60 -14.04
N GLN A 207 -13.23 -11.09 -13.08
CA GLN A 207 -13.46 -12.41 -12.51
C GLN A 207 -14.80 -12.45 -11.79
N ARG A 208 -15.13 -11.37 -11.09
CA ARG A 208 -16.34 -11.31 -10.29
C ARG A 208 -17.60 -11.28 -11.15
N VAL A 209 -17.47 -10.77 -12.37
CA VAL A 209 -18.62 -10.64 -13.27
C VAL A 209 -18.67 -11.79 -14.28
N GLY A 210 -17.71 -12.71 -14.21
CA GLY A 210 -17.70 -13.87 -15.08
C GLY A 210 -17.08 -13.60 -16.44
N ASN A 211 -16.43 -12.45 -16.58
CA ASN A 211 -15.74 -12.11 -17.82
C ASN A 211 -14.41 -12.87 -17.91
N LYS A 212 -14.37 -13.87 -18.79
CA LYS A 212 -13.22 -14.76 -18.89
C LYS A 212 -11.98 -14.08 -19.52
N GLU A 213 -12.12 -12.80 -19.86
CA GLU A 213 -11.01 -12.03 -20.40
C GLU A 213 -10.08 -11.52 -19.30
N ALA A 214 -10.38 -11.91 -18.06
CA ALA A 214 -9.64 -11.43 -16.90
C ALA A 214 -8.16 -11.81 -16.94
N TYR A 215 -7.90 -13.08 -17.26
CA TYR A 215 -6.53 -13.60 -17.22
C TYR A 215 -5.66 -13.08 -18.36
N LYS A 216 -6.30 -12.57 -19.41
CA LYS A 216 -5.55 -11.92 -20.49
C LYS A 216 -4.87 -10.67 -19.94
N TRP A 217 -5.52 -10.02 -18.99
CA TRP A 217 -4.98 -8.82 -18.37
C TRP A 217 -3.94 -9.18 -17.32
N TYR A 218 -4.15 -10.30 -16.63
CA TYR A 218 -3.16 -10.80 -15.69
C TYR A 218 -1.89 -11.17 -16.46
N GLU A 219 -2.06 -11.83 -17.60
CA GLU A 219 -0.93 -12.21 -18.44
C GLU A 219 -0.15 -10.97 -18.89
N LEU A 220 -0.88 -9.91 -19.22
CA LEU A 220 -0.25 -8.69 -19.70
C LEU A 220 0.47 -7.99 -18.56
N GLY A 221 -0.16 -7.95 -17.39
CA GLY A 221 0.45 -7.39 -16.20
C GLY A 221 1.74 -8.10 -15.85
N HIS A 222 1.77 -9.41 -16.07
CA HIS A 222 2.97 -10.21 -15.87
C HIS A 222 4.03 -9.88 -16.91
N LYS A 223 3.60 -9.75 -18.16
CA LYS A 223 4.50 -9.43 -19.26
C LYS A 223 5.16 -8.07 -19.05
N ARG A 224 4.43 -7.15 -18.42
CA ARG A 224 4.94 -5.80 -18.18
C ARG A 224 5.62 -5.68 -16.83
N GLY A 225 5.82 -6.82 -16.17
CA GLY A 225 6.64 -6.87 -14.97
C GLY A 225 5.97 -6.44 -13.68
N HIS A 226 4.64 -6.44 -13.66
CA HIS A 226 3.90 -6.04 -12.46
C HIS A 226 3.70 -7.23 -11.52
N PHE A 227 3.51 -8.41 -12.11
CA PHE A 227 3.25 -9.63 -11.35
C PHE A 227 4.40 -10.63 -11.52
N ALA A 228 4.75 -11.31 -10.44
CA ALA A 228 5.76 -12.36 -10.49
C ALA A 228 5.31 -13.45 -11.44
N SER A 229 4.01 -13.75 -11.40
CA SER A 229 3.40 -14.68 -12.34
C SER A 229 1.91 -14.39 -12.45
N VAL A 230 1.24 -15.08 -13.36
CA VAL A 230 -0.19 -14.89 -13.58
C VAL A 230 -0.98 -15.34 -12.35
N TRP A 231 -0.47 -16.33 -11.64
CA TRP A 231 -1.12 -16.85 -10.45
C TRP A 231 -0.77 -16.03 -9.20
N GLN A 232 0.48 -15.58 -9.14
CA GLN A 232 0.99 -14.85 -7.98
C GLN A 232 1.06 -13.35 -8.29
N ARG A 233 0.09 -12.60 -7.79
CA ARG A 233 -0.10 -11.21 -8.22
C ARG A 233 0.02 -10.20 -7.08
N SER A 234 0.78 -10.55 -6.05
CA SER A 234 1.08 -9.60 -4.98
C SER A 234 1.94 -8.46 -5.54
N LEU A 235 1.81 -7.27 -4.97
CA LEU A 235 2.45 -6.07 -5.50
C LEU A 235 3.56 -5.52 -4.60
N TYR A 236 3.65 -6.04 -3.37
CA TYR A 236 4.69 -5.64 -2.43
C TYR A 236 5.63 -6.81 -2.18
N ASN A 237 6.56 -7.01 -3.10
CA ASN A 237 7.37 -8.22 -3.13
C ASN A 237 8.86 -8.01 -2.89
N VAL A 238 9.51 -9.06 -2.42
CA VAL A 238 10.96 -9.19 -2.50
C VAL A 238 11.24 -10.22 -3.59
N ASN A 239 11.78 -9.77 -4.71
CA ASN A 239 11.98 -10.64 -5.86
C ASN A 239 12.97 -11.77 -5.56
N GLY A 240 12.60 -12.99 -5.95
CA GLY A 240 13.49 -14.13 -5.84
C GLY A 240 13.03 -15.19 -4.85
N LEU A 241 12.14 -14.82 -3.93
CA LEU A 241 11.68 -15.76 -2.91
C LEU A 241 10.99 -16.97 -3.52
N LYS A 242 11.27 -18.15 -2.96
CA LYS A 242 10.68 -19.39 -3.42
C LYS A 242 9.16 -19.24 -3.53
N ALA A 243 8.62 -19.50 -4.71
CA ALA A 243 7.20 -19.31 -4.98
C ALA A 243 6.50 -20.62 -5.30
N GLN A 244 5.67 -21.07 -4.37
CA GLN A 244 4.81 -22.23 -4.58
C GLN A 244 3.52 -22.06 -3.79
N PRO A 245 2.38 -22.52 -4.33
CA PRO A 245 1.10 -22.32 -3.65
C PRO A 245 1.04 -22.95 -2.26
N TRP A 246 1.45 -24.21 -2.15
CA TRP A 246 1.36 -24.96 -0.89
C TRP A 246 2.73 -25.34 -0.35
N TRP A 247 2.90 -25.18 0.95
CA TRP A 247 4.15 -25.51 1.65
C TRP A 247 3.93 -26.61 2.69
N THR A 248 4.94 -27.46 2.87
CA THR A 248 4.93 -28.40 3.99
C THR A 248 5.66 -27.74 5.16
N PRO A 249 5.34 -28.16 6.40
CA PRO A 249 6.04 -27.63 7.57
C PRO A 249 7.57 -27.67 7.43
N LYS A 250 8.10 -28.80 6.99
CA LYS A 250 9.55 -28.94 6.86
C LYS A 250 10.10 -27.92 5.86
N GLU A 251 9.37 -27.69 4.78
CA GLU A 251 9.80 -26.76 3.74
C GLU A 251 9.91 -25.34 4.27
N THR A 252 9.03 -24.99 5.22
CA THR A 252 9.08 -23.65 5.81
C THR A 252 10.22 -23.54 6.81
N GLY A 253 10.59 -24.65 7.43
CA GLY A 253 11.61 -24.65 8.46
C GLY A 253 11.05 -24.29 9.84
N TYR A 254 9.79 -23.90 9.87
CA TYR A 254 9.14 -23.50 11.13
C TYR A 254 8.46 -24.68 11.81
N THR A 255 9.21 -25.77 11.96
CA THR A 255 8.67 -27.01 12.49
C THR A 255 8.31 -26.91 13.98
N GLU A 256 9.08 -26.12 14.72
CA GLU A 256 8.81 -25.95 16.14
C GLU A 256 7.49 -25.22 16.35
N LEU A 257 7.24 -24.19 15.55
CA LEU A 257 5.99 -23.45 15.62
C LEU A 257 4.82 -24.38 15.30
N VAL A 258 4.95 -25.15 14.22
CA VAL A 258 3.90 -26.08 13.80
C VAL A 258 3.64 -27.13 14.90
N LYS A 259 4.72 -27.66 15.49
CA LYS A 259 4.59 -28.61 16.59
C LYS A 259 3.76 -28.02 17.72
N SER A 260 4.09 -26.80 18.10
CA SER A 260 3.41 -26.15 19.22
C SER A 260 1.94 -25.91 18.92
N LEU A 261 1.64 -25.47 17.70
CA LEU A 261 0.26 -25.21 17.32
C LEU A 261 -0.55 -26.49 17.36
N GLU A 262 0.04 -27.58 16.88
CA GLU A 262 -0.66 -28.85 16.77
C GLU A 262 -0.75 -29.57 18.12
N ARG A 263 0.28 -29.40 18.95
CA ARG A 263 0.27 -30.01 20.27
C ARG A 263 -0.74 -29.33 21.19
N ASN A 264 -0.85 -28.00 21.07
CA ASN A 264 -1.67 -27.19 21.97
C ASN A 264 -2.92 -26.65 21.31
N TRP A 265 -3.40 -27.31 20.26
CA TRP A 265 -4.46 -26.74 19.45
C TRP A 265 -5.77 -26.56 20.22
N LYS A 266 -6.01 -27.39 21.23
CA LYS A 266 -7.28 -27.35 21.93
C LYS A 266 -7.41 -26.12 22.83
N LEU A 267 -6.29 -25.65 23.40
CA LEU A 267 -6.34 -24.44 24.24
C LEU A 267 -6.64 -23.24 23.36
N ILE A 268 -6.11 -23.26 22.13
CA ILE A 268 -6.36 -22.19 21.17
C ILE A 268 -7.83 -22.21 20.78
N ARG A 269 -8.35 -23.40 20.47
CA ARG A 269 -9.76 -23.58 20.17
C ARG A 269 -10.66 -23.06 21.28
N ASP A 270 -10.38 -23.48 22.50
CA ASP A 270 -11.26 -23.18 23.62
C ASP A 270 -11.35 -21.69 23.91
N GLU A 271 -10.24 -20.97 23.76
CA GLU A 271 -10.26 -19.54 23.98
C GLU A 271 -11.02 -18.86 22.85
N GLY A 272 -10.92 -19.39 21.65
CA GLY A 272 -11.68 -18.88 20.51
C GLY A 272 -13.17 -19.03 20.74
N LEU A 273 -13.57 -20.20 21.20
CA LEU A 273 -14.97 -20.49 21.49
C LEU A 273 -15.49 -19.65 22.64
N ALA A 274 -14.64 -19.40 23.63
CA ALA A 274 -15.01 -18.59 24.78
C ALA A 274 -15.32 -17.17 24.33
N VAL A 275 -14.55 -16.68 23.36
CA VAL A 275 -14.75 -15.34 22.83
C VAL A 275 -16.05 -15.31 22.01
N MET A 276 -16.29 -16.37 21.25
CA MET A 276 -17.53 -16.50 20.49
C MET A 276 -18.76 -16.45 21.41
N ASP A 277 -18.65 -17.08 22.58
CA ASP A 277 -19.78 -17.19 23.49
C ASP A 277 -19.95 -15.97 24.39
N LYS A 278 -18.84 -15.39 24.84
CA LYS A 278 -18.89 -14.34 25.87
C LYS A 278 -18.42 -12.97 25.38
N ALA A 279 -17.85 -12.89 24.18
CA ALA A 279 -17.33 -11.62 23.69
C ALA A 279 -17.23 -11.60 22.16
N LYS A 280 -18.32 -11.97 21.50
CA LYS A 280 -18.32 -12.13 20.05
C LYS A 280 -18.03 -10.81 19.33
N GLY A 281 -18.18 -9.71 20.04
CA GLY A 281 -17.90 -8.39 19.48
C GLY A 281 -16.46 -8.22 19.07
N LEU A 282 -15.57 -9.02 19.65
CA LEU A 282 -14.15 -8.98 19.30
C LEU A 282 -13.93 -9.51 17.88
N PHE A 283 -14.85 -10.36 17.42
CA PHE A 283 -14.83 -10.81 16.04
C PHE A 283 -15.40 -9.71 15.14
N LEU A 284 -14.55 -9.21 14.24
CA LEU A 284 -14.94 -8.14 13.33
C LEU A 284 -15.19 -8.70 11.93
N PRO A 285 -16.30 -8.27 11.28
CA PRO A 285 -16.55 -8.76 9.92
C PRO A 285 -15.41 -8.41 8.96
N GLU A 286 -15.12 -9.32 8.03
CA GLU A 286 -14.15 -9.06 6.97
C GLU A 286 -14.59 -7.82 6.18
N ASP A 287 -13.65 -6.88 6.01
CA ASP A 287 -13.98 -5.56 5.48
C ASP A 287 -13.11 -5.14 4.29
N GLU A 288 -12.70 -6.12 3.49
CA GLU A 288 -11.91 -5.85 2.30
C GLU A 288 -12.66 -6.24 1.01
N ASN A 289 -13.99 -6.36 1.11
CA ASN A 289 -14.84 -6.65 -0.03
C ASN A 289 -14.46 -7.96 -0.73
N LEU A 290 -14.04 -8.95 0.06
CA LEU A 290 -13.57 -10.21 -0.51
C LEU A 290 -14.68 -11.26 -0.62
N ARG A 291 -15.83 -10.99 -0.01
CA ARG A 291 -16.95 -11.93 -0.03
C ARG A 291 -17.92 -11.68 -1.17
N GLU A 292 -18.34 -12.76 -1.83
CA GLU A 292 -19.48 -12.70 -2.72
C GLU A 292 -20.75 -12.71 -1.87
N LYS A 293 -20.74 -13.53 -0.84
CA LYS A 293 -21.89 -13.70 0.04
C LYS A 293 -21.46 -14.39 1.33
N GLY A 294 -22.35 -14.37 2.32
CA GLY A 294 -22.13 -15.11 3.55
C GLY A 294 -21.51 -14.29 4.67
N ASP A 295 -21.13 -14.99 5.74
CA ASP A 295 -20.61 -14.35 6.94
C ASP A 295 -19.21 -14.85 7.26
N TRP A 296 -18.32 -13.89 7.49
CA TRP A 296 -16.92 -14.17 7.72
C TRP A 296 -16.38 -13.08 8.63
N SER A 297 -15.87 -13.47 9.80
CA SER A 297 -15.36 -12.52 10.77
C SER A 297 -14.01 -13.00 11.32
N GLN A 298 -13.22 -12.07 11.82
CA GLN A 298 -11.90 -12.37 12.32
C GLN A 298 -11.63 -11.66 13.63
N PHE A 299 -10.93 -12.35 14.52
CA PHE A 299 -10.55 -11.84 15.83
C PHE A 299 -9.03 -11.81 15.93
N THR A 300 -8.47 -10.62 15.75
CA THR A 300 -7.03 -10.46 15.57
C THR A 300 -6.26 -10.22 16.86
N LEU A 301 -5.19 -10.99 17.04
CA LEU A 301 -4.33 -10.89 18.22
C LEU A 301 -3.07 -10.08 17.91
N TRP A 302 -2.50 -10.32 16.72
CA TRP A 302 -1.34 -9.58 16.25
C TRP A 302 -1.58 -9.05 14.85
N GLN A 303 -1.12 -7.83 14.59
CA GLN A 303 -1.13 -7.29 13.24
C GLN A 303 0.08 -6.35 13.10
N GLN A 304 0.72 -6.40 11.94
CA GLN A 304 1.93 -5.62 11.66
C GLN A 304 2.95 -5.78 12.78
N GLY A 305 3.05 -7.00 13.31
CA GLY A 305 4.03 -7.34 14.31
C GLY A 305 3.77 -6.70 15.67
N ARG A 306 2.57 -6.14 15.84
CA ARG A 306 2.20 -5.51 17.10
C ARG A 306 1.09 -6.29 17.81
N ARG A 307 1.36 -6.66 19.05
CA ARG A 307 0.39 -7.35 19.89
C ARG A 307 -0.76 -6.43 20.26
N ASN A 308 -1.99 -6.89 20.04
CA ASN A 308 -3.17 -6.17 20.53
C ASN A 308 -3.44 -6.57 21.97
N GLU A 309 -3.12 -5.68 22.91
CA GLU A 309 -3.18 -5.99 24.33
C GLU A 309 -4.59 -6.37 24.77
N ASN A 310 -5.59 -5.62 24.33
CA ASN A 310 -6.97 -5.88 24.72
C ASN A 310 -7.49 -7.19 24.16
N ALA A 311 -7.13 -7.48 22.92
CA ALA A 311 -7.55 -8.72 22.27
C ALA A 311 -6.96 -9.93 23.00
N CYS A 312 -5.69 -9.82 23.40
CA CYS A 312 -5.01 -10.94 24.04
C CYS A 312 -5.57 -11.22 25.44
N LYS A 313 -6.31 -10.28 26.00
CA LYS A 313 -6.98 -10.54 27.28
C LYS A 313 -8.16 -11.48 27.09
N GLY A 314 -8.55 -11.69 25.83
CA GLY A 314 -9.60 -12.63 25.48
C GLY A 314 -9.05 -13.98 25.10
N ALA A 315 -7.75 -14.02 24.83
CA ALA A 315 -7.06 -15.26 24.49
C ALA A 315 -5.67 -15.24 25.10
N PRO A 316 -5.60 -15.12 26.44
CA PRO A 316 -4.33 -14.94 27.15
C PRO A 316 -3.37 -16.12 26.97
N LYS A 317 -3.86 -17.34 27.06
CA LYS A 317 -3.00 -18.51 26.97
C LYS A 317 -2.43 -18.62 25.57
N THR A 318 -3.25 -18.34 24.57
CA THR A 318 -2.84 -18.43 23.18
C THR A 318 -1.74 -17.39 22.91
N CYS A 319 -1.95 -16.17 23.40
CA CYS A 319 -0.97 -15.11 23.21
C CYS A 319 0.34 -15.46 23.89
N THR A 320 0.25 -16.03 25.09
CA THR A 320 1.44 -16.45 25.82
C THR A 320 2.22 -17.52 25.06
N LEU A 321 1.49 -18.47 24.48
CA LEU A 321 2.10 -19.54 23.70
C LEU A 321 2.85 -18.97 22.51
N LEU A 322 2.25 -17.98 21.86
CA LEU A 322 2.81 -17.43 20.62
C LEU A 322 4.01 -16.50 20.85
N GLU A 323 4.11 -15.90 22.04
CA GLU A 323 5.22 -15.01 22.36
CA GLU A 323 5.23 -15.02 22.37
C GLU A 323 6.58 -15.65 22.07
N LYS A 324 6.63 -16.97 22.16
CA LYS A 324 7.86 -17.73 21.97
C LYS A 324 8.33 -17.76 20.52
N PHE A 325 7.47 -17.33 19.60
CA PHE A 325 7.74 -17.47 18.18
C PHE A 325 7.79 -16.12 17.45
N PRO A 326 8.94 -15.44 17.51
CA PRO A 326 9.08 -14.15 16.83
C PRO A 326 8.91 -14.24 15.31
N GLU A 327 9.04 -15.43 14.74
CA GLU A 327 8.89 -15.60 13.30
C GLU A 327 7.46 -15.28 12.86
N THR A 328 6.51 -15.25 13.80
CA THR A 328 5.15 -14.82 13.50
C THR A 328 4.76 -13.55 14.24
N THR A 329 5.11 -13.44 15.52
CA THR A 329 4.76 -12.25 16.29
C THR A 329 5.54 -11.04 15.79
N GLY A 330 6.65 -11.28 15.12
CA GLY A 330 7.47 -10.22 14.55
C GLY A 330 7.24 -10.04 13.07
N CYS A 331 6.30 -10.78 12.50
CA CYS A 331 5.99 -10.63 11.09
C CYS A 331 5.15 -9.39 10.85
N ARG A 332 5.81 -8.31 10.46
CA ARG A 332 5.15 -7.02 10.29
C ARG A 332 4.43 -6.92 8.95
N ARG A 333 4.42 -8.01 8.20
CA ARG A 333 3.63 -8.11 6.98
C ARG A 333 2.67 -9.29 7.08
N GLY A 334 2.18 -9.54 8.30
CA GLY A 334 1.22 -10.60 8.53
C GLY A 334 0.42 -10.36 9.79
N GLN A 335 -0.43 -11.31 10.14
CA GLN A 335 -1.23 -11.22 11.35
C GLN A 335 -1.29 -12.55 12.08
N ILE A 336 -1.83 -12.51 13.29
CA ILE A 336 -2.25 -13.69 14.03
C ILE A 336 -3.69 -13.45 14.43
N LYS A 337 -4.59 -14.31 13.98
CA LYS A 337 -6.01 -14.07 14.15
C LYS A 337 -6.87 -15.32 14.05
N TYR A 338 -7.94 -15.36 14.83
CA TYR A 338 -8.99 -16.35 14.65
C TYR A 338 -9.80 -15.96 13.43
N SER A 339 -10.31 -16.96 12.72
CA SER A 339 -11.14 -16.72 11.54
C SER A 339 -12.35 -17.64 11.52
N ILE A 340 -13.54 -17.07 11.69
CA ILE A 340 -14.76 -17.85 11.67
C ILE A 340 -15.55 -17.59 10.39
N MET A 341 -16.01 -18.68 9.77
CA MET A 341 -16.80 -18.59 8.55
C MET A 341 -18.02 -19.51 8.68
N HIS A 342 -19.18 -18.99 8.28
CA HIS A 342 -20.44 -19.71 8.41
C HIS A 342 -20.95 -20.18 7.06
N PRO A 343 -21.92 -21.12 7.08
CA PRO A 343 -22.48 -21.66 5.82
C PRO A 343 -23.09 -20.58 4.93
N GLY A 344 -23.04 -20.81 3.63
CA GLY A 344 -23.56 -19.86 2.66
C GLY A 344 -22.52 -18.80 2.33
N THR A 345 -21.27 -19.11 2.58
CA THR A 345 -20.19 -18.15 2.35
C THR A 345 -19.32 -18.59 1.18
N HIS A 346 -19.08 -17.63 0.29
CA HIS A 346 -18.10 -17.79 -0.79
C HIS A 346 -17.22 -16.55 -0.83
N VAL A 347 -15.92 -16.76 -0.64
CA VAL A 347 -14.92 -15.70 -0.77
C VAL A 347 -14.40 -15.69 -2.19
N TRP A 348 -14.49 -14.54 -2.85
CA TRP A 348 -13.98 -14.36 -4.20
C TRP A 348 -12.53 -14.82 -4.32
N PRO A 349 -12.13 -15.28 -5.51
CA PRO A 349 -10.70 -15.44 -5.74
C PRO A 349 -9.98 -14.14 -5.45
N HIS A 350 -8.91 -14.19 -4.64
CA HIS A 350 -8.19 -12.99 -4.28
C HIS A 350 -6.74 -13.31 -3.94
N THR A 351 -5.97 -12.24 -3.73
CA THR A 351 -4.53 -12.32 -3.59
C THR A 351 -4.09 -11.38 -2.47
N GLY A 352 -3.16 -11.84 -1.65
CA GLY A 352 -2.60 -11.03 -0.59
C GLY A 352 -1.66 -9.97 -1.15
N PRO A 353 -1.30 -8.98 -0.33
CA PRO A 353 -0.52 -7.85 -0.84
C PRO A 353 0.97 -8.15 -1.06
N THR A 354 1.50 -9.18 -0.41
CA THR A 354 2.94 -9.40 -0.41
C THR A 354 3.34 -10.87 -0.48
N ASN A 355 4.51 -11.12 -1.08
CA ASN A 355 5.06 -12.47 -1.16
C ASN A 355 6.01 -12.75 0.01
N CYS A 356 6.07 -11.80 0.95
CA CYS A 356 7.05 -11.84 2.03
C CYS A 356 6.58 -12.62 3.24
N ARG A 357 5.36 -13.14 3.18
CA ARG A 357 4.84 -13.96 4.27
C ARG A 357 4.28 -15.27 3.75
N LEU A 358 4.29 -16.28 4.61
CA LEU A 358 3.54 -17.51 4.40
C LEU A 358 2.44 -17.54 5.45
N ARG A 359 1.36 -18.23 5.13
CA ARG A 359 0.17 -18.22 5.96
C ARG A 359 -0.15 -19.62 6.46
N MET A 360 -0.12 -19.78 7.79
CA MET A 360 -0.50 -21.05 8.42
C MET A 360 -1.96 -21.00 8.85
N HIS A 361 -2.66 -22.12 8.62
CA HIS A 361 -4.03 -22.31 9.09
C HIS A 361 -4.08 -23.51 10.03
N LEU A 362 -4.42 -23.29 11.29
CA LEU A 362 -4.66 -24.37 12.24
C LEU A 362 -6.17 -24.61 12.39
N GLY A 363 -6.61 -25.82 12.07
CA GLY A 363 -8.01 -26.16 12.21
C GLY A 363 -8.40 -26.23 13.68
N LEU A 364 -9.51 -25.57 14.03
CA LEU A 364 -10.01 -25.58 15.40
C LEU A 364 -11.37 -26.27 15.47
N VAL A 365 -12.31 -25.80 14.64
CA VAL A 365 -13.61 -26.45 14.48
C VAL A 365 -13.92 -26.55 13.01
N ILE A 366 -13.87 -27.77 12.48
CA ILE A 366 -14.04 -28.03 11.06
C ILE A 366 -15.17 -29.02 10.79
N PRO A 367 -16.30 -28.55 10.22
CA PRO A 367 -17.35 -29.48 9.83
C PRO A 367 -16.83 -30.57 8.90
N LYS A 368 -17.41 -31.77 8.98
CA LYS A 368 -16.93 -32.91 8.23
C LYS A 368 -16.93 -32.67 6.72
N GLU A 369 -17.76 -31.73 6.27
CA GLU A 369 -17.84 -31.43 4.84
C GLU A 369 -18.39 -30.03 4.60
N GLY A 370 -18.14 -29.50 3.41
CA GLY A 370 -18.65 -28.20 3.00
C GLY A 370 -17.62 -27.09 3.00
N CYS A 371 -16.50 -27.31 3.67
CA CYS A 371 -15.44 -26.29 3.79
C CYS A 371 -14.20 -26.69 3.00
N LYS A 372 -13.71 -25.78 2.18
CA LYS A 372 -12.52 -26.04 1.39
C LYS A 372 -11.88 -24.74 0.93
N ILE A 373 -10.59 -24.82 0.63
CA ILE A 373 -9.82 -23.67 0.18
C ILE A 373 -8.99 -24.06 -1.02
N ARG A 374 -9.11 -23.28 -2.09
CA ARG A 374 -8.28 -23.43 -3.27
C ARG A 374 -7.15 -22.42 -3.24
N CYS A 375 -5.94 -22.88 -3.50
CA CYS A 375 -4.82 -21.99 -3.77
C CYS A 375 -4.20 -22.42 -5.09
N ALA A 376 -4.15 -21.48 -6.04
CA ALA A 376 -3.75 -21.79 -7.40
C ALA A 376 -4.66 -22.88 -7.97
N ASN A 377 -4.07 -23.99 -8.43
CA ASN A 377 -4.83 -25.05 -9.09
C ASN A 377 -5.16 -26.23 -8.17
N GLU A 378 -4.93 -26.06 -6.87
CA GLU A 378 -5.13 -27.14 -5.91
C GLU A 378 -6.05 -26.73 -4.76
N THR A 379 -7.09 -27.54 -4.54
CA THR A 379 -8.03 -27.31 -3.45
C THR A 379 -7.78 -28.31 -2.32
N LYS A 380 -7.84 -27.82 -1.09
CA LYS A 380 -7.60 -28.64 0.09
C LYS A 380 -8.64 -28.37 1.16
N THR A 381 -8.62 -29.23 2.18
CA THR A 381 -9.53 -29.12 3.32
C THR A 381 -8.73 -28.98 4.61
N TRP A 382 -9.35 -28.37 5.61
CA TRP A 382 -8.76 -28.25 6.94
C TRP A 382 -9.02 -29.49 7.79
N GLU A 383 -8.18 -29.68 8.80
CA GLU A 383 -8.36 -30.73 9.79
C GLU A 383 -8.16 -30.16 11.17
N GLU A 384 -9.01 -30.57 12.11
CA GLU A 384 -8.93 -30.08 13.48
C GLU A 384 -7.60 -30.52 14.09
N GLY A 385 -6.85 -29.54 14.60
CA GLY A 385 -5.57 -29.81 15.24
C GLY A 385 -4.42 -29.99 14.27
N LYS A 386 -4.65 -29.66 13.00
CA LYS A 386 -3.62 -29.81 11.97
C LYS A 386 -3.40 -28.49 11.23
N VAL A 387 -2.15 -28.26 10.85
CA VAL A 387 -1.77 -27.02 10.20
C VAL A 387 -1.66 -27.18 8.68
N LEU A 388 -2.31 -26.27 7.95
CA LEU A 388 -2.09 -26.10 6.52
C LEU A 388 -1.25 -24.86 6.29
N ILE A 389 -0.37 -24.91 5.30
CA ILE A 389 0.47 -23.76 4.97
C ILE A 389 0.41 -23.45 3.48
N PHE A 390 0.13 -22.19 3.15
CA PHE A 390 0.11 -21.76 1.75
C PHE A 390 0.61 -20.33 1.62
N ASP A 391 1.01 -19.98 0.41
CA ASP A 391 1.41 -18.63 0.08
C ASP A 391 0.19 -17.88 -0.45
N ASP A 392 -0.37 -17.00 0.38
CA ASP A 392 -1.61 -16.32 0.03
C ASP A 392 -1.35 -15.18 -0.96
N SER A 393 -0.11 -15.06 -1.45
CA SER A 393 0.19 -14.14 -2.54
C SER A 393 -0.22 -14.77 -3.87
N PHE A 394 -0.46 -16.08 -3.85
CA PHE A 394 -1.08 -16.77 -4.97
C PHE A 394 -2.59 -16.61 -4.89
N GLU A 395 -3.26 -16.59 -6.03
CA GLU A 395 -4.71 -16.51 -6.04
C GLU A 395 -5.28 -17.67 -5.25
N HIS A 396 -6.17 -17.37 -4.31
CA HIS A 396 -6.84 -18.40 -3.55
C HIS A 396 -8.30 -18.05 -3.32
N GLU A 397 -9.10 -19.09 -3.07
CA GLU A 397 -10.55 -18.98 -3.03
C GLU A 397 -11.10 -19.90 -1.93
N VAL A 398 -12.24 -19.53 -1.36
CA VAL A 398 -12.78 -20.24 -0.20
C VAL A 398 -14.30 -20.41 -0.24
N TRP A 399 -14.75 -21.60 0.16
CA TRP A 399 -16.17 -21.91 0.24
C TRP A 399 -16.55 -22.43 1.62
N GLN A 400 -17.77 -22.13 2.05
CA GLN A 400 -18.31 -22.69 3.29
C GLN A 400 -19.75 -23.11 3.03
N ASP A 401 -19.95 -24.41 2.84
CA ASP A 401 -21.28 -24.96 2.56
C ASP A 401 -21.60 -26.10 3.53
N ALA A 402 -21.13 -25.96 4.77
CA ALA A 402 -21.41 -26.93 5.82
C ALA A 402 -22.77 -26.64 6.44
N SER A 403 -23.04 -27.22 7.60
CA SER A 403 -24.29 -26.99 8.31
C SER A 403 -24.05 -26.42 9.71
N SER A 404 -22.83 -25.91 9.92
CA SER A 404 -22.45 -25.27 11.16
C SER A 404 -21.18 -24.47 10.93
N PHE A 405 -20.76 -23.71 11.94
CA PHE A 405 -19.65 -22.78 11.80
C PHE A 405 -18.30 -23.47 11.63
N ARG A 406 -17.38 -22.78 10.98
CA ARG A 406 -16.01 -23.25 10.77
C ARG A 406 -15.01 -22.25 11.34
N LEU A 407 -14.23 -22.71 12.31
CA LEU A 407 -13.26 -21.86 13.01
C LEU A 407 -11.83 -22.35 12.77
N ILE A 408 -10.97 -21.44 12.35
CA ILE A 408 -9.55 -21.73 12.16
C ILE A 408 -8.71 -20.65 12.83
N PHE A 409 -7.45 -20.99 13.07
CA PHE A 409 -6.48 -20.05 13.62
C PHE A 409 -5.45 -19.75 12.55
N ILE A 410 -5.28 -18.47 12.24
CA ILE A 410 -4.38 -18.03 11.18
C ILE A 410 -3.10 -17.44 11.77
N VAL A 411 -1.96 -17.99 11.36
CA VAL A 411 -0.65 -17.58 11.85
C VAL A 411 0.27 -17.28 10.68
N ASP A 412 0.60 -16.01 10.49
CA ASP A 412 1.48 -15.58 9.41
C ASP A 412 2.93 -15.58 9.87
N VAL A 413 3.83 -16.06 9.00
CA VAL A 413 5.26 -16.04 9.26
C VAL A 413 6.01 -15.37 8.13
N TRP A 414 7.16 -14.79 8.44
CA TRP A 414 8.08 -14.30 7.42
C TRP A 414 8.39 -15.41 6.44
N HIS A 415 8.50 -15.08 5.16
CA HIS A 415 8.99 -16.05 4.18
C HIS A 415 10.37 -16.50 4.66
N PRO A 416 10.57 -17.82 4.80
CA PRO A 416 11.79 -18.32 5.46
C PRO A 416 13.09 -17.89 4.79
N GLU A 417 13.05 -17.60 3.49
CA GLU A 417 14.25 -17.20 2.77
C GLU A 417 14.59 -15.73 2.97
N LEU A 418 13.73 -15.00 3.67
CA LEU A 418 14.04 -13.61 4.00
C LEU A 418 15.12 -13.55 5.07
N THR A 419 16.17 -12.79 4.81
CA THR A 419 17.26 -12.64 5.76
C THR A 419 16.77 -11.86 6.98
N PRO A 420 17.52 -11.94 8.10
CA PRO A 420 17.17 -11.16 9.30
C PRO A 420 17.10 -9.66 9.04
N GLN A 421 17.98 -9.14 8.18
CA GLN A 421 18.01 -7.70 7.93
C GLN A 421 16.81 -7.27 7.10
N GLN A 422 16.38 -8.12 6.18
CA GLN A 422 15.16 -7.84 5.40
C GLN A 422 13.95 -7.81 6.33
N ARG A 423 13.88 -8.79 7.23
CA ARG A 423 12.79 -8.85 8.20
C ARG A 423 12.75 -7.62 9.09
N ARG A 424 13.92 -7.01 9.27
CA ARG A 424 14.05 -5.84 10.14
C ARG A 424 13.65 -4.55 9.42
N SER A 425 13.91 -4.48 8.12
CA SER A 425 13.83 -3.23 7.39
C SER A 425 12.56 -3.04 6.57
N LEU A 426 11.99 -4.14 6.07
CA LEU A 426 10.79 -4.06 5.22
C LEU A 426 9.68 -3.27 5.91
N PRO A 427 9.08 -2.29 5.20
CA PRO A 427 7.97 -1.57 5.84
C PRO A 427 6.77 -2.49 6.09
N ALA A 428 6.03 -2.19 7.17
CA ALA A 428 4.90 -3.01 7.58
C ALA A 428 3.79 -2.99 6.54
N ILE A 429 2.99 -4.06 6.55
CA ILE A 429 1.80 -4.13 5.72
C ILE A 429 0.69 -4.80 6.53
N GLY B 14 -6.83 2.49 7.13
CA GLY B 14 -7.04 1.57 6.03
C GLY B 14 -5.83 0.70 5.77
N LYS B 15 -5.96 -0.60 6.06
CA LYS B 15 -4.84 -1.53 5.96
C LYS B 15 -5.10 -2.65 4.95
N CYS B 16 -4.02 -3.15 4.36
CA CYS B 16 -4.08 -4.30 3.47
C CYS B 16 -3.75 -5.58 4.23
N LYS B 17 -4.77 -6.25 4.73
CA LYS B 17 -4.57 -7.46 5.53
C LYS B 17 -4.63 -8.73 4.69
N ASP B 18 -5.76 -8.93 4.02
N ASP B 18 -5.77 -8.95 4.03
CA ASP B 18 -5.98 -10.14 3.21
CA ASP B 18 -5.96 -10.14 3.19
C ASP B 18 -6.01 -9.84 1.71
C ASP B 18 -5.86 -9.82 1.70
N GLY B 19 -6.09 -8.56 1.35
CA GLY B 19 -6.13 -8.15 -0.05
C GLY B 19 -5.32 -6.91 -0.38
N LEU B 20 -5.59 -6.34 -1.55
CA LEU B 20 -4.89 -5.16 -2.05
C LEU B 20 -5.88 -4.03 -2.35
N GLY B 21 -6.89 -3.88 -1.48
CA GLY B 21 -7.97 -2.95 -1.72
C GLY B 21 -7.57 -1.49 -1.64
N GLU B 22 -6.58 -1.18 -0.82
CA GLU B 22 -6.15 0.20 -0.61
C GLU B 22 -5.20 0.67 -1.71
N TYR B 23 -5.19 1.97 -1.97
CA TYR B 23 -4.33 2.55 -3.00
C TYR B 23 -2.86 2.28 -2.66
N THR B 24 -2.50 2.50 -1.40
CA THR B 24 -1.19 2.12 -0.88
C THR B 24 -1.39 1.27 0.37
N CYS B 25 -0.57 0.23 0.51
CA CYS B 25 -0.65 -0.67 1.64
C CYS B 25 0.37 -0.33 2.72
N THR B 26 1.41 0.41 2.32
CA THR B 26 2.44 0.84 3.25
C THR B 26 2.26 2.30 3.61
N CYS B 27 2.80 2.68 4.77
CA CYS B 27 2.76 4.04 5.26
C CYS B 27 4.08 4.41 5.93
N LEU B 28 4.96 5.06 5.17
CA LEU B 28 6.29 5.42 5.66
C LEU B 28 6.37 6.90 6.00
N GLU B 29 7.26 7.23 6.94
CA GLU B 29 7.44 8.61 7.38
C GLU B 29 8.92 8.93 7.54
N GLY B 30 9.42 9.87 6.74
CA GLY B 30 10.80 10.32 6.85
C GLY B 30 11.79 9.31 6.33
N PHE B 31 13.07 9.63 6.45
CA PHE B 31 14.14 8.74 6.02
C PHE B 31 14.20 7.51 6.92
#